data_8ZNG
#
_entry.id   8ZNG
#
_cell.length_a   1.00
_cell.length_b   1.00
_cell.length_c   1.00
_cell.angle_alpha   90.00
_cell.angle_beta   90.00
_cell.angle_gamma   90.00
#
_symmetry.space_group_name_H-M   'P 1'
#
loop_
_entity.id
_entity.type
_entity.pdbx_description
1 polymer 'Glutamate dehydrogenase'
2 non-polymer 'NADPH DIHYDRO-NICOTINAMIDE-ADENINE-DINUCLEOTIDE PHOSPHATE'
3 non-polymer '2-OXOGLUTARIC ACID'
4 water water
#
_entity_poly.entity_id   1
_entity_poly.type   'polypeptide(L)'
_entity_poly.pdbx_seq_one_letter_code
;IDPFEMAVKQLERAAQYMDISEEALEWLKKPMRIVEVSVPIEMDDGSVKVFTGFRVQHNWARGPTKGGIRWHPAETLSTV
KALATFMTWKVAVVDLPYGGGKGGIIVNPKELSEREQERLARAYIRAVYDVIGPWTDIPAPDVYTNPKIMGWMMDEYETI
MRRKGPAFGVITGKPLSIGGSLGRGTATAQGAIFTIREAAKALGIDLKGKKIAVQGYGNAGYYTAKLAKEQLGMTVVAVS
DSRGGIYNPDGLDPDEVLKWKREHGSVKDFPGATNITNEELLELEVDVLAPAAIEEVITEKNADNIKAKIVAEVANGPVT
PEADDILREKGILQIPDFLCNAGGVTVSYFEWVQNINGYYWTEEEVREKLDKKMTKAFWEVYNTHKDKNIHMRDAAYVVA
VSRVYQAMKDRGWVKK
;
_entity_poly.pdbx_strand_id   A
#
loop_
_chem_comp.id
_chem_comp.type
_chem_comp.name
_chem_comp.formula
AKG non-polymer '2-OXOGLUTARIC ACID' 'C5 H6 O5'
NDP non-polymer 'NADPH DIHYDRO-NICOTINAMIDE-ADENINE-DINUCLEOTIDE PHOSPHATE' 'C21 H30 N7 O17 P3'
#
# COMPACT_ATOMS: atom_id res chain seq x y z
N ILE A 1 -9.57 -18.07 3.62
CA ILE A 1 -8.73 -19.26 3.71
C ILE A 1 -7.37 -18.83 4.26
N ASP A 2 -6.30 -19.04 3.50
CA ASP A 2 -4.95 -18.68 3.91
C ASP A 2 -4.46 -17.54 3.03
N PRO A 3 -4.13 -16.37 3.59
CA PRO A 3 -3.70 -15.24 2.76
C PRO A 3 -2.48 -15.55 1.91
N PHE A 4 -1.50 -16.26 2.48
CA PHE A 4 -0.30 -16.60 1.72
C PHE A 4 -0.62 -17.55 0.58
N GLU A 5 -1.51 -18.51 0.84
CA GLU A 5 -1.93 -19.43 -0.21
C GLU A 5 -2.67 -18.68 -1.32
N MET A 6 -3.47 -17.69 -0.95
CA MET A 6 -4.15 -16.86 -1.94
C MET A 6 -3.15 -16.09 -2.80
N ALA A 7 -2.14 -15.50 -2.15
CA ALA A 7 -1.11 -14.77 -2.90
C ALA A 7 -0.35 -15.70 -3.85
N VAL A 8 0.02 -16.88 -3.36
CA VAL A 8 0.72 -17.86 -4.18
C VAL A 8 -0.15 -18.30 -5.36
N LYS A 9 -1.44 -18.52 -5.12
CA LYS A 9 -2.36 -18.89 -6.19
C LYS A 9 -2.49 -17.78 -7.22
N GLN A 10 -2.55 -16.53 -6.78
CA GLN A 10 -2.67 -15.41 -7.70
C GLN A 10 -1.42 -15.26 -8.56
N LEU A 11 -0.23 -15.42 -7.96
CA LEU A 11 1.01 -15.48 -8.72
C LEU A 11 1.05 -16.66 -9.68
N GLU A 12 0.60 -17.83 -9.26
CA GLU A 12 0.55 -19.00 -10.14
C GLU A 12 -0.39 -18.80 -11.33
N ARG A 13 -1.55 -18.20 -11.10
CA ARG A 13 -2.45 -17.85 -12.19
C ARG A 13 -1.84 -16.84 -13.14
N ALA A 14 -1.15 -15.83 -12.63
CA ALA A 14 -0.49 -14.86 -13.48
C ALA A 14 0.71 -15.42 -14.23
N ALA A 15 1.35 -16.46 -13.72
CA ALA A 15 2.55 -17.03 -14.32
C ALA A 15 2.31 -17.65 -15.69
N GLN A 16 1.08 -18.01 -16.02
CA GLN A 16 0.79 -18.67 -17.30
C GLN A 16 0.90 -17.73 -18.49
N TYR A 17 1.02 -16.42 -18.27
CA TYR A 17 1.07 -15.43 -19.35
C TYR A 17 2.48 -14.96 -19.63
N MET A 18 3.49 -15.60 -19.06
CA MET A 18 4.87 -15.16 -19.24
C MET A 18 5.80 -16.37 -19.19
N ASP A 19 6.98 -16.20 -19.77
CA ASP A 19 7.99 -17.24 -19.84
C ASP A 19 8.82 -17.22 -18.56
N ILE A 20 8.45 -18.08 -17.60
CA ILE A 20 9.20 -18.19 -16.36
C ILE A 20 9.44 -19.68 -16.09
N SER A 21 10.69 -20.01 -15.77
CA SER A 21 11.04 -21.40 -15.53
C SER A 21 10.40 -21.91 -14.24
N GLU A 22 10.28 -23.24 -14.15
CA GLU A 22 9.68 -23.85 -12.97
C GLU A 22 10.49 -23.57 -11.71
N GLU A 23 11.81 -23.65 -11.80
CA GLU A 23 12.65 -23.41 -10.62
C GLU A 23 12.51 -21.98 -10.11
N ALA A 24 12.47 -21.00 -11.00
CA ALA A 24 12.29 -19.61 -10.59
C ALA A 24 10.93 -19.38 -9.97
N LEU A 25 9.87 -19.99 -10.51
CA LEU A 25 8.54 -19.86 -9.92
C LEU A 25 8.50 -20.48 -8.53
N GLU A 26 9.11 -21.66 -8.37
CA GLU A 26 9.17 -22.29 -7.05
C GLU A 26 9.97 -21.43 -6.08
N TRP A 27 11.04 -20.79 -6.54
CA TRP A 27 11.78 -19.86 -5.69
C TRP A 27 10.90 -18.69 -5.26
N LEU A 28 10.16 -18.11 -6.20
CA LEU A 28 9.29 -16.97 -5.91
C LEU A 28 8.09 -17.34 -5.04
N LYS A 29 7.71 -18.61 -5.00
CA LYS A 29 6.54 -19.04 -4.24
C LYS A 29 6.81 -19.14 -2.74
N LYS A 30 8.06 -19.03 -2.32
CA LYS A 30 8.39 -19.11 -0.91
C LYS A 30 9.30 -17.97 -0.48
N PRO A 31 9.05 -17.35 0.67
CA PRO A 31 9.94 -16.27 1.14
C PRO A 31 11.32 -16.79 1.46
N MET A 32 12.33 -15.95 1.22
CA MET A 32 13.71 -16.37 1.41
C MET A 32 14.11 -16.43 2.87
N ARG A 33 13.58 -15.53 3.70
CA ARG A 33 13.93 -15.51 5.12
C ARG A 33 12.72 -15.08 5.93
N ILE A 34 12.36 -15.90 6.92
CA ILE A 34 11.27 -15.60 7.84
C ILE A 34 11.84 -15.59 9.25
N VAL A 35 11.57 -14.52 10.00
CA VAL A 35 12.05 -14.37 11.36
C VAL A 35 10.85 -14.24 12.29
N GLU A 36 10.77 -15.14 13.28
CA GLU A 36 9.78 -15.08 14.36
C GLU A 36 10.56 -14.90 15.66
N VAL A 37 10.23 -13.86 16.41
CA VAL A 37 10.93 -13.54 17.65
C VAL A 37 9.93 -13.27 18.76
N SER A 38 10.37 -13.44 19.99
CA SER A 38 9.62 -13.02 21.15
C SER A 38 9.95 -11.57 21.48
N VAL A 39 8.92 -10.76 21.69
CA VAL A 39 9.10 -9.35 21.96
C VAL A 39 8.65 -9.05 23.38
N PRO A 40 9.56 -9.01 24.35
CA PRO A 40 9.16 -8.75 25.74
C PRO A 40 9.19 -7.28 26.10
N ILE A 41 8.16 -6.80 26.80
CA ILE A 41 8.11 -5.44 27.31
C ILE A 41 7.64 -5.47 28.75
N GLU A 42 8.06 -4.47 29.52
CA GLU A 42 7.58 -4.33 30.90
C GLU A 42 6.37 -3.41 30.90
N MET A 43 5.24 -3.94 31.37
CA MET A 43 4.02 -3.17 31.44
C MET A 43 4.08 -2.15 32.58
N ASP A 44 3.07 -1.30 32.65
CA ASP A 44 3.03 -0.24 33.65
C ASP A 44 2.88 -0.82 35.06
N ASP A 45 2.22 -1.98 35.17
CA ASP A 45 1.99 -2.56 36.48
C ASP A 45 3.22 -3.31 36.99
N GLY A 46 4.29 -3.33 36.19
CA GLY A 46 5.52 -3.95 36.60
C GLY A 46 5.75 -5.33 36.03
N SER A 47 4.69 -5.94 35.50
CA SER A 47 4.78 -7.27 34.92
C SER A 47 5.47 -7.21 33.56
N VAL A 48 5.93 -8.38 33.11
CA VAL A 48 6.59 -8.52 31.81
C VAL A 48 5.67 -9.35 30.91
N LYS A 49 5.41 -8.83 29.73
CA LYS A 49 4.56 -9.50 28.75
C LYS A 49 5.37 -9.77 27.48
N VAL A 50 5.21 -10.96 26.93
CA VAL A 50 5.95 -11.38 25.75
C VAL A 50 5.00 -11.43 24.57
N PHE A 51 5.35 -10.68 23.52
CA PHE A 51 4.56 -10.63 22.29
C PHE A 51 5.28 -11.37 21.17
N THR A 52 4.51 -11.80 20.18
CA THR A 52 5.04 -12.51 19.02
C THR A 52 5.28 -11.49 17.91
N GLY A 53 6.51 -11.44 17.40
CA GLY A 53 6.88 -10.55 16.34
C GLY A 53 7.23 -11.29 15.07
N PHE A 54 7.04 -10.61 13.94
CA PHE A 54 7.28 -11.21 12.64
C PHE A 54 8.09 -10.26 11.77
N ARG A 55 8.94 -10.85 10.93
CA ARG A 55 9.63 -10.12 9.88
C ARG A 55 9.94 -11.05 8.72
N VAL A 56 9.27 -10.84 7.59
CA VAL A 56 9.38 -11.72 6.43
C VAL A 56 10.06 -10.97 5.30
N GLN A 57 11.17 -11.52 4.81
CA GLN A 57 11.90 -10.99 3.66
C GLN A 57 11.67 -11.95 2.51
N HIS A 58 10.73 -11.62 1.64
CA HIS A 58 10.30 -12.52 0.57
C HIS A 58 11.39 -12.72 -0.48
N ASN A 59 11.97 -11.63 -0.97
CA ASN A 59 12.94 -11.69 -2.05
C ASN A 59 13.72 -10.38 -2.10
N TRP A 60 15.05 -10.48 -2.16
CA TRP A 60 15.89 -9.29 -2.15
C TRP A 60 16.82 -9.30 -3.37
N ALA A 61 16.38 -9.91 -4.47
CA ALA A 61 17.18 -9.94 -5.69
C ALA A 61 17.40 -8.55 -6.28
N ARG A 62 16.38 -7.69 -6.27
CA ARG A 62 16.50 -6.37 -6.85
C ARG A 62 17.07 -5.34 -5.89
N GLY A 63 17.18 -5.67 -4.61
CA GLY A 63 17.70 -4.75 -3.62
C GLY A 63 17.21 -5.08 -2.22
N PRO A 64 17.48 -4.18 -1.27
CA PRO A 64 17.01 -4.41 0.10
C PRO A 64 15.49 -4.47 0.18
N THR A 65 14.99 -5.34 1.05
CA THR A 65 13.55 -5.55 1.16
C THR A 65 12.88 -4.32 1.77
N LYS A 66 11.61 -4.13 1.43
CA LYS A 66 10.85 -2.95 1.82
C LYS A 66 9.43 -3.37 2.21
N GLY A 67 8.96 -2.87 3.34
CA GLY A 67 7.62 -3.18 3.80
C GLY A 67 7.32 -2.72 5.21
N GLY A 68 6.06 -2.40 5.49
CA GLY A 68 5.69 -1.84 6.78
C GLY A 68 5.52 -2.88 7.87
N ILE A 69 5.29 -2.39 9.08
CA ILE A 69 5.05 -3.21 10.27
C ILE A 69 3.63 -2.98 10.76
N ARG A 70 2.88 -4.06 10.93
CA ARG A 70 1.50 -3.98 11.39
C ARG A 70 1.42 -4.40 12.85
N TRP A 71 0.44 -3.82 13.56
CA TRP A 71 0.29 -4.05 14.99
C TRP A 71 -1.13 -4.50 15.31
N HIS A 72 -1.64 -5.47 14.56
CA HIS A 72 -3.03 -5.87 14.72
C HIS A 72 -3.15 -7.11 15.61
N PRO A 73 -4.22 -7.19 16.41
CA PRO A 73 -4.43 -8.40 17.23
C PRO A 73 -4.71 -9.64 16.42
N ALA A 74 -5.10 -9.52 15.15
CA ALA A 74 -5.37 -10.66 14.29
C ALA A 74 -4.19 -10.98 13.37
N GLU A 75 -3.02 -10.39 13.64
CA GLU A 75 -1.85 -10.61 12.81
C GLU A 75 -1.44 -12.08 12.83
N THR A 76 -1.15 -12.62 11.66
CA THR A 76 -0.76 -14.00 11.49
C THR A 76 0.43 -14.05 10.54
N LEU A 77 1.34 -15.00 10.77
CA LEU A 77 2.52 -15.14 9.92
C LEU A 77 2.13 -15.31 8.45
N SER A 78 1.01 -15.99 8.19
CA SER A 78 0.55 -16.14 6.81
C SER A 78 0.22 -14.79 6.17
N THR A 79 -0.45 -13.91 6.93
CA THR A 79 -0.77 -12.58 6.41
C THR A 79 0.51 -11.79 6.12
N VAL A 80 1.48 -11.86 7.03
CA VAL A 80 2.73 -11.13 6.84
C VAL A 80 3.47 -11.65 5.62
N LYS A 81 3.50 -12.97 5.43
CA LYS A 81 4.15 -13.55 4.27
C LYS A 81 3.46 -13.13 2.97
N ALA A 82 2.12 -13.15 2.96
CA ALA A 82 1.38 -12.73 1.77
C ALA A 82 1.66 -11.27 1.44
N LEU A 83 1.69 -10.42 2.48
CA LEU A 83 1.92 -9.00 2.24
C LEU A 83 3.36 -8.72 1.81
N ALA A 84 4.32 -9.51 2.31
CA ALA A 84 5.69 -9.39 1.81
C ALA A 84 5.79 -9.80 0.35
N THR A 85 5.09 -10.87 -0.03
CA THR A 85 5.06 -11.27 -1.44
C THR A 85 4.45 -10.18 -2.30
N PHE A 86 3.35 -9.57 -1.85
CA PHE A 86 2.76 -8.46 -2.59
C PHE A 86 3.69 -7.25 -2.63
N MET A 87 4.45 -7.03 -1.55
CA MET A 87 5.41 -5.93 -1.53
C MET A 87 6.49 -6.11 -2.58
N THR A 88 6.92 -7.35 -2.80
CA THR A 88 7.89 -7.63 -3.85
C THR A 88 7.38 -7.15 -5.21
N TRP A 89 6.16 -7.55 -5.57
CA TRP A 89 5.58 -7.14 -6.84
C TRP A 89 5.35 -5.63 -6.88
N LYS A 90 4.98 -5.04 -5.75
CA LYS A 90 4.73 -3.60 -5.69
C LYS A 90 6.00 -2.81 -6.00
N VAL A 91 7.10 -3.15 -5.32
CA VAL A 91 8.34 -2.42 -5.56
C VAL A 91 8.89 -2.74 -6.95
N ALA A 92 8.61 -3.94 -7.48
CA ALA A 92 9.08 -4.27 -8.82
C ALA A 92 8.30 -3.57 -9.93
N VAL A 93 7.01 -3.32 -9.73
CA VAL A 93 6.19 -2.75 -10.79
C VAL A 93 6.46 -1.26 -11.00
N VAL A 94 7.00 -0.56 -10.01
CA VAL A 94 7.36 0.85 -10.15
C VAL A 94 8.86 1.03 -10.37
N ASP A 95 9.59 -0.06 -10.63
CA ASP A 95 11.01 -0.03 -10.92
C ASP A 95 11.80 0.59 -9.77
N LEU A 96 11.72 -0.06 -8.61
CA LEU A 96 12.50 0.38 -7.46
C LEU A 96 13.62 -0.61 -7.17
N PRO A 97 14.80 -0.14 -6.77
CA PRO A 97 15.89 -1.06 -6.39
C PRO A 97 15.65 -1.66 -5.01
N TYR A 98 14.51 -2.34 -4.87
CA TYR A 98 14.03 -2.82 -3.59
C TYR A 98 13.62 -4.28 -3.71
N GLY A 99 13.49 -4.93 -2.55
CA GLY A 99 12.84 -6.22 -2.44
C GLY A 99 11.51 -6.09 -1.72
N GLY A 100 10.91 -7.24 -1.44
CA GLY A 100 9.65 -7.31 -0.75
C GLY A 100 9.81 -7.80 0.67
N GLY A 101 9.31 -7.01 1.63
CA GLY A 101 9.38 -7.37 3.02
C GLY A 101 8.10 -6.97 3.74
N LYS A 102 7.97 -7.50 4.95
CA LYS A 102 6.81 -7.19 5.80
C LYS A 102 7.10 -7.63 7.22
N GLY A 103 6.55 -6.89 8.17
CA GLY A 103 6.69 -7.23 9.58
C GLY A 103 5.38 -7.03 10.30
N GLY A 104 5.32 -7.62 11.50
CA GLY A 104 4.12 -7.49 12.30
C GLY A 104 4.28 -7.98 13.73
N ILE A 105 3.43 -7.46 14.62
CA ILE A 105 3.38 -7.88 16.02
C ILE A 105 1.94 -8.20 16.35
N ILE A 106 1.71 -9.37 16.96
CA ILE A 106 0.37 -9.74 17.39
C ILE A 106 0.08 -9.03 18.71
N VAL A 107 -0.57 -7.87 18.61
CA VAL A 107 -0.81 -7.03 19.78
C VAL A 107 -2.02 -6.15 19.50
N ASN A 108 -2.76 -5.85 20.57
CA ASN A 108 -3.82 -4.85 20.51
C ASN A 108 -3.27 -3.53 21.05
N PRO A 109 -2.84 -2.60 20.19
CA PRO A 109 -2.25 -1.36 20.69
C PRO A 109 -3.26 -0.43 21.35
N LYS A 110 -4.55 -0.74 21.26
CA LYS A 110 -5.55 0.07 21.94
C LYS A 110 -5.38 0.00 23.45
N GLU A 111 -5.07 -1.18 24.00
CA GLU A 111 -4.86 -1.36 25.42
C GLU A 111 -3.39 -1.19 25.82
N LEU A 112 -2.62 -0.47 25.01
CA LEU A 112 -1.23 -0.18 25.31
C LEU A 112 -1.07 1.32 25.50
N SER A 113 -0.40 1.71 26.57
CA SER A 113 -0.13 3.12 26.81
C SER A 113 1.02 3.59 25.92
N GLU A 114 1.26 4.91 25.95
CA GLU A 114 2.34 5.48 25.14
C GLU A 114 3.69 4.92 25.55
N ARG A 115 3.93 4.80 26.87
CA ARG A 115 5.17 4.21 27.35
C ARG A 115 5.28 2.76 26.91
N GLU A 116 4.18 2.01 27.03
CA GLU A 116 4.18 0.61 26.60
C GLU A 116 4.38 0.49 25.09
N GLN A 117 3.79 1.38 24.31
CA GLN A 117 3.97 1.35 22.86
C GLN A 117 5.43 1.63 22.48
N GLU A 118 6.05 2.61 23.14
CA GLU A 118 7.46 2.88 22.88
C GLU A 118 8.33 1.70 23.27
N ARG A 119 8.03 1.07 24.41
CA ARG A 119 8.78 -0.11 24.81
C ARG A 119 8.60 -1.25 23.81
N LEU A 120 7.39 -1.40 23.26
CA LEU A 120 7.14 -2.43 22.27
C LEU A 120 7.95 -2.18 21.00
N ALA A 121 7.96 -0.94 20.52
CA ALA A 121 8.74 -0.61 19.33
C ALA A 121 10.23 -0.85 19.56
N ARG A 122 10.76 -0.39 20.69
CA ARG A 122 12.18 -0.57 20.98
C ARG A 122 12.54 -2.04 21.13
N ALA A 123 11.68 -2.84 21.78
CA ALA A 123 11.95 -4.26 21.93
C ALA A 123 11.87 -4.98 20.59
N TYR A 124 10.93 -4.59 19.71
CA TYR A 124 10.89 -5.16 18.38
C TYR A 124 12.17 -4.87 17.61
N ILE A 125 12.69 -3.64 17.71
CA ILE A 125 13.98 -3.32 17.10
C ILE A 125 15.12 -4.13 17.69
N ARG A 126 15.19 -4.25 19.02
CA ARG A 126 16.21 -5.03 19.69
C ARG A 126 16.14 -6.52 19.33
N ALA A 127 14.96 -7.00 18.96
CA ALA A 127 14.80 -8.40 18.58
C ALA A 127 15.06 -8.68 17.10
N VAL A 128 14.70 -7.78 16.20
CA VAL A 128 14.86 -8.00 14.77
C VAL A 128 16.08 -7.27 14.21
N TYR A 129 16.99 -6.83 15.07
CA TYR A 129 18.10 -5.99 14.63
C TYR A 129 18.98 -6.68 13.59
N ASP A 130 19.26 -7.97 13.78
CA ASP A 130 20.26 -8.68 12.99
C ASP A 130 19.82 -8.96 11.55
N VAL A 131 18.56 -8.69 11.22
CA VAL A 131 18.07 -8.97 9.87
C VAL A 131 17.52 -7.70 9.22
N ILE A 132 17.81 -6.55 9.80
CA ILE A 132 17.35 -5.27 9.26
C ILE A 132 18.54 -4.32 9.15
N GLY A 133 18.34 -3.26 8.35
CA GLY A 133 19.36 -2.27 8.13
C GLY A 133 19.04 -1.42 6.92
N PRO A 134 19.74 -0.29 6.78
CA PRO A 134 19.47 0.59 5.63
C PRO A 134 19.74 -0.06 4.29
N TRP A 135 20.59 -1.08 4.22
CA TRP A 135 20.87 -1.79 2.98
C TRP A 135 20.39 -3.24 3.05
N THR A 136 19.66 -3.61 4.10
CA THR A 136 19.18 -4.98 4.24
C THR A 136 17.66 -5.08 4.19
N ASP A 137 16.99 -4.32 5.05
CA ASP A 137 15.55 -4.39 5.22
C ASP A 137 15.06 -3.07 5.82
N ILE A 138 14.22 -2.35 5.08
CA ILE A 138 13.76 -1.03 5.50
C ILE A 138 12.27 -1.09 5.83
N PRO A 139 11.89 -1.07 7.09
CA PRO A 139 10.46 -1.05 7.44
C PRO A 139 9.85 0.34 7.27
N ALA A 140 8.56 0.43 7.60
CA ALA A 140 7.76 1.62 7.38
C ALA A 140 6.49 1.56 8.22
N PRO A 141 5.70 2.63 8.29
CA PRO A 141 4.40 2.53 8.97
C PRO A 141 3.44 1.62 8.22
N ASP A 142 2.56 1.00 9.00
CA ASP A 142 1.48 0.17 8.46
C ASP A 142 0.31 0.24 9.43
N VAL A 143 -0.61 -0.72 9.35
CA VAL A 143 -1.79 -0.77 10.19
C VAL A 143 -1.40 -0.57 11.65
N TYR A 144 -1.99 0.45 12.28
CA TYR A 144 -1.83 0.75 13.71
C TYR A 144 -0.39 1.12 14.07
N THR A 145 0.36 1.58 13.07
CA THR A 145 1.68 2.17 13.31
C THR A 145 1.73 3.53 12.64
N ASN A 146 2.55 4.42 13.19
CA ASN A 146 2.55 5.82 12.77
C ASN A 146 3.97 6.35 12.75
N PRO A 147 4.21 7.58 12.28
CA PRO A 147 5.58 8.13 12.31
C PRO A 147 6.19 8.21 13.69
N LYS A 148 5.38 8.36 14.74
CA LYS A 148 5.90 8.40 16.10
C LYS A 148 6.58 7.08 16.47
N ILE A 149 5.91 5.97 16.18
CA ILE A 149 6.49 4.65 16.40
C ILE A 149 7.73 4.47 15.52
N MET A 150 7.69 5.01 14.29
CA MET A 150 8.84 4.93 13.40
C MET A 150 10.04 5.66 13.99
N GLY A 151 9.81 6.84 14.58
CA GLY A 151 10.89 7.56 15.23
C GLY A 151 11.47 6.83 16.42
N TRP A 152 10.60 6.22 17.24
CA TRP A 152 11.09 5.39 18.33
C TRP A 152 11.97 4.25 17.82
N MET A 153 11.51 3.56 16.76
CA MET A 153 12.27 2.45 16.19
C MET A 153 13.61 2.93 15.63
N MET A 154 13.60 4.06 14.94
CA MET A 154 14.83 4.62 14.39
C MET A 154 15.81 4.96 15.50
N ASP A 155 15.31 5.55 16.59
CA ASP A 155 16.20 5.89 17.70
C ASP A 155 16.80 4.64 18.33
N GLU A 156 16.00 3.59 18.52
CA GLU A 156 16.54 2.34 19.07
C GLU A 156 17.60 1.75 18.13
N TYR A 157 17.33 1.74 16.82
CA TYR A 157 18.29 1.20 15.88
C TYR A 157 19.58 2.02 15.88
N GLU A 158 19.47 3.35 15.97
CA GLU A 158 20.67 4.18 16.02
C GLU A 158 21.47 3.92 17.28
N THR A 159 20.79 3.74 18.42
CA THR A 159 21.48 3.42 19.66
C THR A 159 22.24 2.10 19.55
N ILE A 160 21.62 1.08 18.95
CA ILE A 160 22.31 -0.19 18.80
C ILE A 160 23.46 -0.08 17.79
N MET A 161 23.26 0.62 16.67
CA MET A 161 24.24 0.76 15.61
C MET A 161 25.44 1.61 16.01
N ARG A 162 25.32 2.39 17.09
CA ARG A 162 26.40 3.27 17.57
C ARG A 162 26.75 4.33 16.52
N ARG A 163 25.77 4.71 15.71
CA ARG A 163 25.89 5.79 14.73
C ARG A 163 27.04 5.54 13.76
N LYS A 164 27.24 4.26 13.40
CA LYS A 164 28.30 3.88 12.49
C LYS A 164 27.98 4.23 11.04
N GLY A 165 26.72 4.08 10.65
CA GLY A 165 26.28 4.43 9.32
C GLY A 165 25.07 5.33 9.37
N PRO A 166 24.39 5.49 8.23
CA PRO A 166 23.17 6.30 8.24
C PRO A 166 22.02 5.56 8.90
N ALA A 167 21.69 5.94 10.12
CA ALA A 167 20.62 5.30 10.88
C ALA A 167 19.24 5.81 10.48
N PHE A 168 19.15 6.99 9.88
CA PHE A 168 17.90 7.48 9.35
C PHE A 168 17.33 6.60 8.25
N GLY A 169 18.19 5.98 7.44
CA GLY A 169 17.77 5.16 6.34
C GLY A 169 17.28 3.77 6.71
N VAL A 170 17.38 3.39 7.98
CA VAL A 170 16.91 2.06 8.38
C VAL A 170 15.39 1.94 8.29
N ILE A 171 14.66 3.06 8.44
CA ILE A 171 13.20 3.02 8.46
C ILE A 171 12.68 4.29 7.83
N THR A 172 11.54 4.19 7.15
CA THR A 172 10.92 5.33 6.49
C THR A 172 9.59 5.68 7.16
N GLY A 173 9.02 6.78 6.72
CA GLY A 173 7.78 7.27 7.32
C GLY A 173 7.94 7.85 8.70
N LYS A 174 9.07 8.51 8.98
CA LYS A 174 9.33 9.09 10.29
C LYS A 174 9.01 10.58 10.27
N PRO A 175 8.97 11.25 11.42
CA PRO A 175 8.69 12.70 11.41
C PRO A 175 9.77 13.47 10.67
N LEU A 176 9.37 14.65 10.16
CA LEU A 176 10.29 15.48 9.38
C LEU A 176 11.47 15.94 10.22
N SER A 177 11.31 16.00 11.54
CA SER A 177 12.39 16.45 12.41
C SER A 177 13.60 15.52 12.33
N ILE A 178 13.34 14.21 12.22
CA ILE A 178 14.42 13.24 12.11
C ILE A 178 14.31 12.49 10.78
N GLY A 179 14.98 13.00 9.75
CA GLY A 179 15.10 12.28 8.50
C GLY A 179 13.82 12.05 7.72
N GLY A 180 12.73 12.72 8.08
CA GLY A 180 11.50 12.56 7.34
C GLY A 180 11.55 13.23 5.98
N SER A 181 10.65 12.82 5.10
CA SER A 181 10.54 13.38 3.76
C SER A 181 9.20 14.04 3.57
N LEU A 182 9.18 15.07 2.73
CA LEU A 182 7.96 15.78 2.41
C LEU A 182 7.13 14.97 1.42
N GLY A 183 5.81 15.11 1.51
CA GLY A 183 4.91 14.38 0.62
C GLY A 183 4.57 12.99 1.06
N ARG A 184 5.02 12.58 2.24
N ARG A 184 5.02 12.58 2.24
CA ARG A 184 4.75 11.24 2.76
CA ARG A 184 4.75 11.24 2.76
C ARG A 184 3.32 11.04 3.23
C ARG A 184 3.32 11.04 3.23
N GLY A 185 2.71 12.10 3.77
CA GLY A 185 1.35 12.04 4.26
C GLY A 185 0.31 11.77 3.18
N THR A 186 0.48 12.38 2.02
CA THR A 186 -0.45 12.21 0.91
C THR A 186 0.15 11.38 -0.23
N ALA A 187 1.15 10.55 0.07
CA ALA A 187 1.87 9.82 -0.96
C ALA A 187 0.96 8.84 -1.70
N THR A 188 0.23 8.02 -0.95
CA THR A 188 -0.62 7.00 -1.56
C THR A 188 -1.71 7.63 -2.40
N ALA A 189 -2.38 8.65 -1.86
CA ALA A 189 -3.45 9.32 -2.60
C ALA A 189 -2.91 10.03 -3.82
N GLN A 190 -1.73 10.64 -3.71
CA GLN A 190 -1.12 11.33 -4.86
C GLN A 190 -0.80 10.34 -5.97
N GLY A 191 -0.22 9.19 -5.61
CA GLY A 191 0.06 8.18 -6.61
C GLY A 191 -1.22 7.64 -7.25
N ALA A 192 -2.25 7.44 -6.44
CA ALA A 192 -3.53 6.98 -6.97
C ALA A 192 -4.12 8.00 -7.94
N ILE A 193 -4.01 9.29 -7.61
CA ILE A 193 -4.51 10.35 -8.48
C ILE A 193 -3.73 10.37 -9.79
N PHE A 194 -2.41 10.19 -9.72
CA PHE A 194 -1.61 10.13 -10.94
C PHE A 194 -2.04 8.97 -11.82
N THR A 195 -2.25 7.80 -11.22
CA THR A 195 -2.68 6.64 -11.99
C THR A 195 -4.07 6.84 -12.57
N ILE A 196 -4.96 7.49 -11.82
CA ILE A 196 -6.31 7.76 -12.32
C ILE A 196 -6.26 8.70 -13.52
N ARG A 197 -5.43 9.74 -13.44
CA ARG A 197 -5.27 10.66 -14.55
C ARG A 197 -4.71 9.96 -15.78
N GLU A 198 -3.71 9.08 -15.57
CA GLU A 198 -3.17 8.33 -16.70
C GLU A 198 -4.20 7.37 -17.29
N ALA A 199 -5.02 6.73 -16.45
CA ALA A 199 -6.07 5.85 -16.96
C ALA A 199 -7.10 6.62 -17.77
N ALA A 200 -7.48 7.81 -17.29
CA ALA A 200 -8.42 8.63 -18.05
C ALA A 200 -7.82 9.07 -19.38
N LYS A 201 -6.53 9.41 -19.39
CA LYS A 201 -5.86 9.72 -20.65
C LYS A 201 -5.85 8.52 -21.59
N ALA A 202 -5.63 7.31 -21.05
CA ALA A 202 -5.66 6.10 -21.85
C ALA A 202 -7.04 5.80 -22.42
N LEU A 203 -8.10 6.05 -21.67
CA LEU A 203 -9.46 5.81 -22.15
C LEU A 203 -10.03 6.98 -22.94
N GLY A 204 -9.27 8.05 -23.12
CA GLY A 204 -9.77 9.21 -23.83
C GLY A 204 -10.94 9.90 -23.16
N ILE A 205 -10.91 10.01 -21.84
CA ILE A 205 -12.01 10.59 -21.07
C ILE A 205 -11.49 11.82 -20.33
N ASP A 206 -12.18 12.94 -20.49
CA ASP A 206 -11.83 14.15 -19.75
C ASP A 206 -12.34 14.05 -18.32
N LEU A 207 -11.45 14.30 -17.36
CA LEU A 207 -11.78 14.15 -15.95
C LEU A 207 -12.46 15.36 -15.34
N LYS A 208 -12.50 16.48 -16.04
CA LYS A 208 -13.11 17.69 -15.49
C LYS A 208 -14.61 17.53 -15.42
N GLY A 209 -15.19 17.82 -14.26
CA GLY A 209 -16.63 17.75 -14.09
C GLY A 209 -17.21 16.35 -14.02
N LYS A 210 -16.43 15.35 -13.64
CA LYS A 210 -16.89 13.97 -13.56
C LYS A 210 -16.97 13.52 -12.11
N LYS A 211 -17.99 12.71 -11.81
CA LYS A 211 -18.25 12.27 -10.45
C LYS A 211 -17.28 11.18 -10.03
N ILE A 212 -16.92 11.19 -8.75
CA ILE A 212 -16.05 10.17 -8.17
C ILE A 212 -16.65 9.75 -6.83
N ALA A 213 -16.55 8.46 -6.52
CA ALA A 213 -17.01 7.91 -5.25
C ALA A 213 -15.82 7.24 -4.58
N VAL A 214 -15.63 7.51 -3.29
CA VAL A 214 -14.51 6.96 -2.52
C VAL A 214 -15.07 6.19 -1.34
N GLN A 215 -14.66 4.94 -1.19
CA GLN A 215 -15.05 4.11 -0.06
C GLN A 215 -13.95 4.13 1.00
N GLY A 216 -14.31 4.53 2.21
CA GLY A 216 -13.34 4.69 3.27
C GLY A 216 -12.85 6.12 3.35
N TYR A 217 -12.63 6.71 4.54
CA TYR A 217 -12.24 8.15 4.54
C TYR A 217 -11.17 8.43 5.58
N GLY A 218 -9.99 7.86 5.41
CA GLY A 218 -8.89 8.09 6.34
C GLY A 218 -7.71 8.64 5.59
N ASN A 219 -6.50 8.17 5.91
CA ASN A 219 -5.36 8.78 5.24
C ASN A 219 -5.47 8.61 3.74
N ALA A 220 -5.89 7.42 3.29
CA ALA A 220 -5.96 7.16 1.86
C ALA A 220 -7.19 7.80 1.23
N GLY A 221 -8.39 7.47 1.71
CA GLY A 221 -9.62 7.91 1.10
C GLY A 221 -9.89 9.40 1.10
N TYR A 222 -9.71 10.03 2.26
CA TYR A 222 -9.94 11.48 2.35
C TYR A 222 -9.01 12.24 1.42
N TYR A 223 -7.72 11.89 1.43
CA TYR A 223 -6.77 12.59 0.57
C TYR A 223 -7.01 12.25 -0.89
N THR A 224 -7.48 11.04 -1.19
CA THR A 224 -7.82 10.70 -2.56
C THR A 224 -8.96 11.58 -3.07
N ALA A 225 -10.01 11.73 -2.28
CA ALA A 225 -11.12 12.61 -2.68
C ALA A 225 -10.67 14.06 -2.78
N LYS A 226 -9.88 14.54 -1.82
CA LYS A 226 -9.44 15.92 -1.82
C LYS A 226 -8.57 16.22 -3.04
N LEU A 227 -7.65 15.31 -3.38
CA LEU A 227 -6.78 15.52 -4.52
C LEU A 227 -7.51 15.33 -5.84
N ALA A 228 -8.51 14.44 -5.88
CA ALA A 228 -9.32 14.30 -7.08
C ALA A 228 -10.11 15.57 -7.35
N LYS A 229 -10.67 16.20 -6.32
CA LYS A 229 -11.35 17.47 -6.48
C LYS A 229 -10.39 18.61 -6.82
N GLU A 230 -9.28 18.75 -6.10
CA GLU A 230 -8.34 19.85 -6.28
C GLU A 230 -7.47 19.75 -7.53
N GLN A 231 -6.96 18.56 -7.86
CA GLN A 231 -6.03 18.39 -8.98
C GLN A 231 -6.72 17.94 -10.25
N LEU A 232 -7.60 16.95 -10.17
CA LEU A 232 -8.24 16.41 -11.36
C LEU A 232 -9.52 17.14 -11.73
N GLY A 233 -9.99 18.06 -10.88
CA GLY A 233 -11.22 18.78 -11.14
C GLY A 233 -12.45 17.90 -11.16
N MET A 234 -12.48 16.85 -10.34
CA MET A 234 -13.62 15.95 -10.28
C MET A 234 -14.61 16.40 -9.21
N THR A 235 -15.84 15.92 -9.32
CA THR A 235 -16.88 16.19 -8.34
C THR A 235 -16.99 14.98 -7.43
N VAL A 236 -16.86 15.20 -6.12
CA VAL A 236 -16.98 14.11 -5.15
C VAL A 236 -18.44 13.98 -4.75
N VAL A 237 -19.09 12.90 -5.20
CA VAL A 237 -20.51 12.71 -4.96
C VAL A 237 -20.80 11.79 -3.79
N ALA A 238 -19.82 11.04 -3.30
CA ALA A 238 -20.08 10.11 -2.20
C ALA A 238 -18.79 9.74 -1.51
N VAL A 239 -18.84 9.65 -0.18
CA VAL A 239 -17.78 9.11 0.65
C VAL A 239 -18.43 8.19 1.67
N SER A 240 -17.61 7.38 2.36
CA SER A 240 -18.11 6.41 3.31
C SER A 240 -17.04 6.07 4.34
N ASP A 241 -17.46 5.40 5.40
CA ASP A 241 -16.53 4.88 6.40
C ASP A 241 -17.14 3.60 6.99
N SER A 242 -16.62 3.18 8.14
CA SER A 242 -17.09 1.94 8.75
C SER A 242 -18.57 2.01 9.11
N ARG A 243 -19.05 3.18 9.50
CA ARG A 243 -20.44 3.33 9.93
C ARG A 243 -21.39 3.31 8.74
N GLY A 244 -21.25 4.28 7.84
CA GLY A 244 -22.12 4.38 6.69
C GLY A 244 -21.54 5.19 5.55
N GLY A 245 -22.39 5.93 4.85
CA GLY A 245 -21.94 6.77 3.75
C GLY A 245 -22.94 7.87 3.46
N ILE A 246 -22.48 8.86 2.72
CA ILE A 246 -23.28 10.03 2.38
C ILE A 246 -23.12 10.32 0.89
N TYR A 247 -24.23 10.65 0.24
CA TYR A 247 -24.26 10.83 -1.20
C TYR A 247 -24.94 12.16 -1.55
N ASN A 248 -24.18 13.07 -2.14
CA ASN A 248 -24.72 14.32 -2.64
C ASN A 248 -24.37 14.48 -4.12
N PRO A 249 -25.34 14.42 -5.02
CA PRO A 249 -25.02 14.52 -6.46
C PRO A 249 -24.35 15.83 -6.86
N ASP A 250 -24.70 16.94 -6.21
CA ASP A 250 -24.08 18.22 -6.58
C ASP A 250 -22.64 18.31 -6.10
N GLY A 251 -22.21 17.40 -5.24
CA GLY A 251 -20.84 17.38 -4.79
C GLY A 251 -20.69 17.58 -3.29
N LEU A 252 -19.52 17.24 -2.76
CA LEU A 252 -19.22 17.39 -1.34
C LEU A 252 -17.82 17.96 -1.20
N ASP A 253 -17.64 18.89 -0.27
CA ASP A 253 -16.31 19.42 -0.02
C ASP A 253 -15.58 18.52 0.98
N PRO A 254 -14.45 17.94 0.58
CA PRO A 254 -13.78 16.97 1.48
C PRO A 254 -13.39 17.53 2.84
N ASP A 255 -13.00 18.80 2.91
CA ASP A 255 -12.59 19.38 4.19
C ASP A 255 -13.74 19.44 5.18
N GLU A 256 -14.92 19.86 4.71
CA GLU A 256 -16.10 19.90 5.57
C GLU A 256 -16.50 18.50 6.03
N VAL A 257 -16.43 17.53 5.13
CA VAL A 257 -16.76 16.15 5.49
C VAL A 257 -15.79 15.62 6.55
N LEU A 258 -14.50 15.92 6.38
CA LEU A 258 -13.51 15.48 7.36
C LEU A 258 -13.75 16.14 8.72
N LYS A 259 -14.06 17.43 8.72
CA LYS A 259 -14.34 18.12 9.98
C LYS A 259 -15.58 17.54 10.66
N TRP A 260 -16.63 17.27 9.88
CA TRP A 260 -17.84 16.68 10.45
C TRP A 260 -17.57 15.29 11.01
N LYS A 261 -16.79 14.47 10.29
CA LYS A 261 -16.42 13.15 10.79
C LYS A 261 -15.61 13.22 12.06
N ARG A 262 -14.64 14.13 12.14
CA ARG A 262 -13.84 14.32 13.33
C ARG A 262 -14.64 14.85 14.52
N GLU A 263 -15.72 15.60 14.25
CA GLU A 263 -16.51 16.16 15.34
C GLU A 263 -17.65 15.24 15.76
N HIS A 264 -18.02 14.28 14.91
CA HIS A 264 -19.13 13.40 15.21
C HIS A 264 -18.82 11.91 15.05
N GLY A 265 -17.54 11.54 14.88
CA GLY A 265 -17.12 10.16 14.79
C GLY A 265 -17.20 9.58 13.39
N SER A 266 -18.26 9.88 12.64
CA SER A 266 -18.47 9.33 11.32
C SER A 266 -19.04 10.39 10.40
N VAL A 267 -18.88 10.17 9.08
CA VAL A 267 -19.47 11.05 8.08
C VAL A 267 -20.97 10.89 7.99
N LYS A 268 -21.55 9.91 8.69
CA LYS A 268 -22.98 9.69 8.67
C LYS A 268 -23.72 10.90 9.23
N ASP A 269 -24.90 11.17 8.65
CA ASP A 269 -25.73 12.32 9.02
C ASP A 269 -25.02 13.64 8.74
N PHE A 270 -24.51 13.77 7.51
CA PHE A 270 -23.91 14.99 6.98
C PHE A 270 -24.99 15.81 6.30
N PRO A 271 -25.15 17.09 6.62
CA PRO A 271 -26.32 17.83 6.11
C PRO A 271 -26.23 18.22 4.64
N GLY A 272 -27.37 18.16 3.97
CA GLY A 272 -27.40 18.43 2.53
C GLY A 272 -27.14 17.20 1.69
N ALA A 273 -26.89 16.06 2.32
CA ALA A 273 -26.61 14.82 1.62
C ALA A 273 -27.42 13.69 2.25
N THR A 274 -27.72 12.68 1.44
CA THR A 274 -28.51 11.53 1.89
C THR A 274 -27.59 10.46 2.46
N ASN A 275 -28.03 9.81 3.53
CA ASN A 275 -27.26 8.72 4.13
C ASN A 275 -27.50 7.43 3.35
N ILE A 276 -26.42 6.79 2.91
CA ILE A 276 -26.49 5.53 2.19
C ILE A 276 -25.54 4.53 2.84
N THR A 277 -25.79 3.25 2.60
CA THR A 277 -24.94 2.19 3.13
C THR A 277 -23.73 1.99 2.23
N ASN A 278 -22.74 1.26 2.77
CA ASN A 278 -21.48 1.05 2.07
C ASN A 278 -21.65 0.28 0.76
N GLU A 279 -22.51 -0.73 0.73
CA GLU A 279 -22.72 -1.52 -0.47
C GLU A 279 -23.38 -0.75 -1.59
N GLU A 280 -24.23 0.24 -1.27
CA GLU A 280 -24.87 1.07 -2.28
C GLU A 280 -23.90 2.06 -2.92
N LEU A 281 -22.82 2.43 -2.23
CA LEU A 281 -21.82 3.33 -2.78
C LEU A 281 -21.08 2.74 -3.97
N LEU A 282 -20.74 1.45 -3.93
CA LEU A 282 -20.00 0.85 -5.02
C LEU A 282 -20.80 0.74 -6.30
N GLU A 283 -22.13 0.79 -6.21
CA GLU A 283 -23.02 0.60 -7.35
C GLU A 283 -23.53 1.91 -7.92
N LEU A 284 -22.87 3.02 -7.59
CA LEU A 284 -23.30 4.32 -8.08
C LEU A 284 -22.90 4.54 -9.53
N GLU A 285 -23.48 5.57 -10.15
CA GLU A 285 -23.14 5.95 -11.52
C GLU A 285 -22.10 7.07 -11.46
N VAL A 286 -20.84 6.67 -11.33
CA VAL A 286 -19.72 7.60 -11.19
C VAL A 286 -18.68 7.27 -12.24
N ASP A 287 -17.80 8.24 -12.51
CA ASP A 287 -16.69 8.05 -13.43
C ASP A 287 -15.54 7.25 -12.82
N VAL A 288 -15.25 7.44 -11.54
CA VAL A 288 -14.14 6.76 -10.88
C VAL A 288 -14.62 6.22 -9.55
N LEU A 289 -14.33 4.94 -9.28
CA LEU A 289 -14.63 4.29 -8.02
C LEU A 289 -13.32 3.99 -7.31
N ALA A 290 -13.20 4.42 -6.05
CA ALA A 290 -11.97 4.29 -5.28
C ALA A 290 -12.29 3.61 -3.95
N PRO A 291 -12.34 2.27 -3.92
CA PRO A 291 -12.61 1.57 -2.65
C PRO A 291 -11.38 1.48 -1.77
N ALA A 292 -11.00 2.59 -1.12
CA ALA A 292 -9.84 2.60 -0.25
C ALA A 292 -10.19 2.36 1.22
N ALA A 293 -10.93 1.29 1.53
CA ALA A 293 -11.29 1.02 2.92
C ALA A 293 -10.71 -0.31 3.33
N ILE A 294 -11.07 -1.41 2.67
CA ILE A 294 -10.67 -2.75 3.11
C ILE A 294 -10.55 -3.67 1.91
N GLU A 295 -10.21 -4.93 2.16
CA GLU A 295 -10.04 -5.92 1.12
C GLU A 295 -11.37 -6.63 0.81
N GLU A 296 -11.47 -7.10 -0.43
CA GLU A 296 -12.55 -8.00 -0.86
C GLU A 296 -13.93 -7.36 -0.68
N VAL A 297 -14.05 -6.11 -1.11
CA VAL A 297 -15.34 -5.44 -1.08
C VAL A 297 -16.13 -5.66 -2.37
N ILE A 298 -15.45 -5.93 -3.49
CA ILE A 298 -16.11 -6.19 -4.76
C ILE A 298 -15.98 -7.69 -5.00
N THR A 299 -17.11 -8.40 -4.91
CA THR A 299 -17.15 -9.84 -5.05
C THR A 299 -17.92 -10.21 -6.32
N GLU A 300 -18.03 -11.51 -6.58
CA GLU A 300 -18.84 -12.01 -7.69
C GLU A 300 -20.31 -11.68 -7.52
N LYS A 301 -20.77 -11.50 -6.27
CA LYS A 301 -22.16 -11.18 -5.99
C LYS A 301 -22.52 -9.73 -6.24
N ASN A 302 -21.54 -8.83 -6.36
CA ASN A 302 -21.87 -7.43 -6.65
C ASN A 302 -21.05 -6.86 -7.80
N ALA A 303 -20.22 -7.65 -8.48
CA ALA A 303 -19.40 -7.11 -9.56
C ALA A 303 -20.24 -6.58 -10.71
N ASP A 304 -21.31 -7.28 -11.08
CA ASP A 304 -22.17 -6.83 -12.17
C ASP A 304 -22.88 -5.52 -11.85
N ASN A 305 -22.97 -5.14 -10.58
CA ASN A 305 -23.65 -3.91 -10.20
C ASN A 305 -22.75 -2.69 -10.31
N ILE A 306 -21.44 -2.87 -10.48
CA ILE A 306 -20.53 -1.74 -10.62
C ILE A 306 -20.79 -1.05 -11.96
N LYS A 307 -20.89 0.28 -11.93
CA LYS A 307 -21.11 1.07 -13.13
C LYS A 307 -20.00 2.07 -13.40
N ALA A 308 -18.95 2.09 -12.58
CA ALA A 308 -17.82 2.98 -12.84
C ALA A 308 -17.00 2.47 -14.01
N LYS A 309 -16.38 3.38 -14.75
CA LYS A 309 -15.52 2.98 -15.85
C LYS A 309 -14.07 2.82 -15.40
N ILE A 310 -13.72 3.40 -14.25
CA ILE A 310 -12.40 3.23 -13.64
C ILE A 310 -12.60 2.83 -12.18
N VAL A 311 -11.94 1.76 -11.78
CA VAL A 311 -11.93 1.33 -10.39
C VAL A 311 -10.48 1.42 -9.92
N ALA A 312 -10.22 2.38 -9.04
CA ALA A 312 -8.86 2.59 -8.53
C ALA A 312 -8.71 1.85 -7.20
N GLU A 313 -7.90 0.79 -7.21
CA GLU A 313 -7.74 -0.08 -6.05
C GLU A 313 -6.69 0.50 -5.11
N VAL A 314 -7.09 1.55 -4.39
CA VAL A 314 -6.19 2.17 -3.42
C VAL A 314 -5.96 1.26 -2.22
N ALA A 315 -7.01 0.57 -1.76
CA ALA A 315 -6.85 -0.39 -0.69
C ALA A 315 -6.18 -1.67 -1.21
N ASN A 316 -5.69 -2.48 -0.27
CA ASN A 316 -5.00 -3.73 -0.61
C ASN A 316 -6.04 -4.80 -0.89
N GLY A 317 -6.08 -5.27 -2.14
CA GLY A 317 -6.94 -6.36 -2.54
C GLY A 317 -8.44 -6.13 -2.37
N PRO A 318 -8.96 -4.98 -2.84
CA PRO A 318 -10.40 -4.73 -2.68
C PRO A 318 -11.28 -5.54 -3.62
N VAL A 319 -10.71 -6.14 -4.67
CA VAL A 319 -11.47 -6.90 -5.66
C VAL A 319 -11.00 -8.35 -5.65
N THR A 320 -11.96 -9.27 -5.58
CA THR A 320 -11.67 -10.69 -5.58
C THR A 320 -11.32 -11.16 -6.98
N PRO A 321 -10.58 -12.28 -7.10
CA PRO A 321 -10.24 -12.79 -8.44
C PRO A 321 -11.45 -13.11 -9.30
N GLU A 322 -12.53 -13.60 -8.70
CA GLU A 322 -13.73 -13.92 -9.48
C GLU A 322 -14.35 -12.67 -10.07
N ALA A 323 -14.33 -11.56 -9.33
CA ALA A 323 -14.93 -10.32 -9.82
C ALA A 323 -14.09 -9.68 -10.92
N ASP A 324 -12.81 -10.04 -11.02
CA ASP A 324 -11.94 -9.45 -12.02
C ASP A 324 -12.43 -9.74 -13.43
N ASP A 325 -12.80 -11.00 -13.70
CA ASP A 325 -13.27 -11.37 -15.03
C ASP A 325 -14.58 -10.69 -15.38
N ILE A 326 -15.49 -10.60 -14.39
CA ILE A 326 -16.78 -9.95 -14.63
C ILE A 326 -16.57 -8.46 -14.92
N LEU A 327 -15.70 -7.82 -14.15
CA LEU A 327 -15.41 -6.40 -14.37
C LEU A 327 -14.79 -6.17 -15.73
N ARG A 328 -13.84 -7.03 -16.13
CA ARG A 328 -13.21 -6.89 -17.44
C ARG A 328 -14.21 -7.11 -18.57
N GLU A 329 -15.11 -8.08 -18.43
CA GLU A 329 -16.10 -8.35 -19.47
C GLU A 329 -17.00 -7.15 -19.73
N LYS A 330 -17.39 -6.43 -18.66
CA LYS A 330 -18.20 -5.23 -18.83
C LYS A 330 -17.42 -4.06 -19.42
N GLY A 331 -16.11 -4.20 -19.59
CA GLY A 331 -15.30 -3.13 -20.15
C GLY A 331 -14.81 -2.10 -19.16
N ILE A 332 -14.74 -2.45 -17.88
CA ILE A 332 -14.28 -1.50 -16.87
C ILE A 332 -12.78 -1.58 -16.74
N LEU A 333 -12.12 -0.41 -16.76
CA LEU A 333 -10.67 -0.36 -16.60
C LEU A 333 -10.36 -0.47 -15.11
N GLN A 334 -9.54 -1.46 -14.77
CA GLN A 334 -9.19 -1.72 -13.39
C GLN A 334 -7.72 -1.38 -13.17
N ILE A 335 -7.45 -0.60 -12.14
CA ILE A 335 -6.08 -0.28 -11.72
C ILE A 335 -5.70 -1.24 -10.59
N PRO A 336 -4.73 -2.14 -10.80
CA PRO A 336 -4.41 -3.13 -9.77
C PRO A 336 -3.90 -2.49 -8.50
N ASP A 337 -4.09 -3.19 -7.37
CA ASP A 337 -3.84 -2.59 -6.07
C ASP A 337 -2.37 -2.23 -5.89
N PHE A 338 -1.45 -3.16 -6.13
CA PHE A 338 -0.04 -2.91 -5.89
C PHE A 338 0.59 -2.00 -6.94
N LEU A 339 -0.19 -1.53 -7.92
CA LEU A 339 0.23 -0.45 -8.81
C LEU A 339 -0.46 0.86 -8.48
N CYS A 340 -1.75 0.84 -8.13
CA CYS A 340 -2.51 2.05 -7.82
C CYS A 340 -2.00 2.74 -6.56
N ASN A 341 -1.71 1.97 -5.50
CA ASN A 341 -1.28 2.53 -4.22
C ASN A 341 0.23 2.41 -4.02
N ALA A 342 1.00 2.37 -5.10
CA ALA A 342 2.45 2.29 -5.02
C ALA A 342 3.10 3.64 -4.71
N GLY A 343 2.32 4.72 -4.67
CA GLY A 343 2.89 6.02 -4.35
C GLY A 343 3.49 6.07 -2.96
N GLY A 344 2.87 5.36 -2.01
CA GLY A 344 3.40 5.34 -0.66
C GLY A 344 4.80 4.75 -0.59
N VAL A 345 4.99 3.58 -1.22
CA VAL A 345 6.31 2.97 -1.23
C VAL A 345 7.29 3.76 -2.10
N THR A 346 6.82 4.41 -3.17
CA THR A 346 7.71 5.25 -3.97
C THR A 346 8.25 6.43 -3.14
N VAL A 347 7.37 7.09 -2.39
CA VAL A 347 7.84 8.19 -1.56
C VAL A 347 8.67 7.69 -0.39
N SER A 348 8.39 6.48 0.11
CA SER A 348 9.27 5.88 1.10
C SER A 348 10.67 5.65 0.52
N TYR A 349 10.73 5.21 -0.73
CA TYR A 349 12.02 5.07 -1.41
C TYR A 349 12.72 6.40 -1.55
N PHE A 350 11.97 7.46 -1.88
CA PHE A 350 12.56 8.79 -1.95
C PHE A 350 13.11 9.22 -0.60
N GLU A 351 12.38 8.94 0.48
CA GLU A 351 12.84 9.25 1.82
C GLU A 351 14.12 8.49 2.15
N TRP A 352 14.17 7.22 1.79
CA TRP A 352 15.37 6.41 2.03
C TRP A 352 16.56 6.94 1.25
N VAL A 353 16.34 7.34 0.00
CA VAL A 353 17.41 7.94 -0.81
C VAL A 353 17.91 9.21 -0.16
N GLN A 354 17.00 10.07 0.30
CA GLN A 354 17.41 11.30 0.97
C GLN A 354 18.19 11.01 2.24
N ASN A 355 17.76 10.01 3.02
CA ASN A 355 18.45 9.65 4.24
C ASN A 355 19.86 9.14 3.97
N ILE A 356 20.02 8.26 2.97
CA ILE A 356 21.34 7.69 2.71
C ILE A 356 22.26 8.72 2.05
N ASN A 357 21.70 9.68 1.31
CA ASN A 357 22.53 10.71 0.72
C ASN A 357 22.79 11.87 1.67
N GLY A 358 22.08 11.93 2.78
CA GLY A 358 22.17 13.04 3.70
C GLY A 358 21.69 14.37 3.15
N TYR A 359 20.97 14.35 2.03
CA TYR A 359 20.50 15.55 1.36
C TYR A 359 19.01 15.40 1.10
N TYR A 360 18.23 16.40 1.47
CA TYR A 360 16.77 16.30 1.45
C TYR A 360 16.18 17.21 0.37
N TRP A 361 15.09 16.74 -0.24
CA TRP A 361 14.48 17.43 -1.36
C TRP A 361 13.28 18.25 -0.89
N THR A 362 12.80 19.13 -1.77
CA THR A 362 11.61 19.93 -1.49
C THR A 362 10.35 19.17 -1.91
N GLU A 363 9.20 19.74 -1.60
CA GLU A 363 7.93 19.09 -1.93
C GLU A 363 7.74 18.98 -3.44
N GLU A 364 8.13 20.03 -4.19
CA GLU A 364 7.93 20.03 -5.63
C GLU A 364 8.75 18.94 -6.32
N GLU A 365 10.01 18.77 -5.93
CA GLU A 365 10.85 17.74 -6.54
C GLU A 365 10.31 16.35 -6.25
N VAL A 366 9.88 16.11 -5.00
CA VAL A 366 9.29 14.82 -4.66
C VAL A 366 8.05 14.56 -5.48
N ARG A 367 7.19 15.58 -5.62
CA ARG A 367 5.96 15.42 -6.39
C ARG A 367 6.25 15.11 -7.85
N GLU A 368 7.23 15.81 -8.44
CA GLU A 368 7.54 15.59 -9.85
C GLU A 368 8.13 14.20 -10.08
N LYS A 369 9.03 13.78 -9.19
CA LYS A 369 9.63 12.45 -9.31
C LYS A 369 8.57 11.36 -9.17
N LEU A 370 7.67 11.53 -8.20
CA LEU A 370 6.58 10.58 -8.03
C LEU A 370 5.66 10.56 -9.26
N ASP A 371 5.36 11.73 -9.81
CA ASP A 371 4.55 11.79 -11.02
C ASP A 371 5.18 10.99 -12.16
N LYS A 372 6.49 11.21 -12.40
CA LYS A 372 7.16 10.49 -13.48
C LYS A 372 7.16 8.98 -13.22
N LYS A 373 7.46 8.58 -11.99
CA LYS A 373 7.52 7.16 -11.66
C LYS A 373 6.17 6.49 -11.89
N MET A 374 5.10 7.08 -11.34
CA MET A 374 3.78 6.48 -11.44
C MET A 374 3.30 6.45 -12.89
N THR A 375 3.57 7.53 -13.64
CA THR A 375 3.17 7.56 -15.04
C THR A 375 3.85 6.45 -15.83
N LYS A 376 5.16 6.30 -15.64
CA LYS A 376 5.88 5.25 -16.35
C LYS A 376 5.38 3.87 -15.97
N ALA A 377 5.15 3.63 -14.67
CA ALA A 377 4.67 2.32 -14.24
C ALA A 377 3.30 2.00 -14.83
N PHE A 378 2.38 2.97 -14.77
CA PHE A 378 1.04 2.73 -15.29
C PHE A 378 1.08 2.47 -16.79
N TRP A 379 1.89 3.23 -17.53
CA TRP A 379 1.91 3.04 -18.97
C TRP A 379 2.55 1.70 -19.34
N GLU A 380 3.56 1.27 -18.59
CA GLU A 380 4.09 -0.07 -18.80
C GLU A 380 3.02 -1.13 -18.59
N VAL A 381 2.28 -1.03 -17.49
CA VAL A 381 1.25 -2.03 -17.20
C VAL A 381 0.16 -2.03 -18.28
N TYR A 382 -0.29 -0.83 -18.67
CA TYR A 382 -1.37 -0.73 -19.65
C TYR A 382 -0.94 -1.23 -21.02
N ASN A 383 0.29 -0.91 -21.44
CA ASN A 383 0.79 -1.41 -22.72
C ASN A 383 0.91 -2.92 -22.69
N THR A 384 1.39 -3.48 -21.56
CA THR A 384 1.45 -4.93 -21.45
C THR A 384 0.08 -5.57 -21.53
N HIS A 385 -0.92 -4.97 -20.86
CA HIS A 385 -2.27 -5.52 -20.88
C HIS A 385 -2.95 -5.41 -22.24
N LYS A 386 -2.63 -4.36 -23.00
CA LYS A 386 -3.15 -4.23 -24.36
C LYS A 386 -2.44 -5.15 -25.35
N ASP A 387 -1.13 -5.33 -25.23
CA ASP A 387 -0.38 -6.14 -26.19
C ASP A 387 -0.76 -7.61 -26.10
N LYS A 388 -0.82 -8.15 -24.88
CA LYS A 388 -1.06 -9.57 -24.67
C LYS A 388 -2.53 -9.91 -24.50
N ASN A 389 -3.42 -8.91 -24.51
CA ASN A 389 -4.86 -9.13 -24.35
C ASN A 389 -5.17 -9.87 -23.06
N ILE A 390 -4.54 -9.42 -21.97
CA ILE A 390 -4.75 -10.02 -20.66
C ILE A 390 -5.29 -8.97 -19.70
N HIS A 391 -5.60 -9.40 -18.48
CA HIS A 391 -6.13 -8.48 -17.47
C HIS A 391 -5.05 -7.53 -16.98
N MET A 392 -5.49 -6.38 -16.45
CA MET A 392 -4.55 -5.39 -15.94
C MET A 392 -3.75 -5.95 -14.78
N ARG A 393 -4.37 -6.71 -13.88
CA ARG A 393 -3.66 -7.36 -12.78
C ARG A 393 -2.64 -8.36 -13.31
N ASP A 394 -3.05 -9.12 -14.36
CA ASP A 394 -2.12 -10.05 -14.99
C ASP A 394 -0.94 -9.31 -15.61
N ALA A 395 -1.21 -8.17 -16.24
CA ALA A 395 -0.13 -7.40 -16.86
C ALA A 395 0.82 -6.83 -15.82
N ALA A 396 0.28 -6.32 -14.71
CA ALA A 396 1.13 -5.83 -13.63
C ALA A 396 1.99 -6.95 -13.06
N TYR A 397 1.40 -8.13 -12.89
CA TYR A 397 2.17 -9.29 -12.46
C TYR A 397 3.26 -9.64 -13.45
N VAL A 398 2.95 -9.63 -14.75
CA VAL A 398 3.96 -9.91 -15.75
C VAL A 398 5.11 -8.92 -15.65
N VAL A 399 4.79 -7.63 -15.55
CA VAL A 399 5.81 -6.60 -15.47
C VAL A 399 6.69 -6.77 -14.24
N ALA A 400 6.10 -7.01 -13.07
CA ALA A 400 6.88 -7.12 -11.83
C ALA A 400 7.69 -8.41 -11.79
N VAL A 401 7.05 -9.54 -12.13
CA VAL A 401 7.71 -10.84 -12.05
C VAL A 401 8.83 -10.92 -13.08
N SER A 402 8.68 -10.26 -14.22
CA SER A 402 9.76 -10.24 -15.20
C SER A 402 10.99 -9.54 -14.64
N ARG A 403 10.79 -8.42 -13.95
CA ARG A 403 11.92 -7.72 -13.34
C ARG A 403 12.59 -8.57 -12.27
N VAL A 404 11.78 -9.19 -11.40
CA VAL A 404 12.35 -10.00 -10.33
C VAL A 404 13.09 -11.21 -10.90
N TYR A 405 12.51 -11.83 -11.93
CA TYR A 405 13.12 -12.96 -12.60
C TYR A 405 14.44 -12.58 -13.26
N GLN A 406 14.47 -11.40 -13.91
CA GLN A 406 15.72 -10.93 -14.52
C GLN A 406 16.78 -10.68 -13.46
N ALA A 407 16.41 -10.08 -12.33
CA ALA A 407 17.37 -9.88 -11.26
C ALA A 407 17.89 -11.21 -10.73
N MET A 408 17.01 -12.19 -10.55
CA MET A 408 17.42 -13.50 -10.06
C MET A 408 18.38 -14.18 -11.04
N LYS A 409 18.08 -14.11 -12.34
CA LYS A 409 18.95 -14.71 -13.34
C LYS A 409 20.30 -14.01 -13.41
N ASP A 410 20.31 -12.68 -13.29
CA ASP A 410 21.57 -11.95 -13.34
C ASP A 410 22.42 -12.21 -12.10
N ARG A 411 21.78 -12.45 -10.95
CA ARG A 411 22.52 -12.82 -9.75
C ARG A 411 23.03 -14.26 -9.80
N GLY A 412 22.58 -15.06 -10.76
CA GLY A 412 22.93 -16.46 -10.81
C GLY A 412 22.15 -17.33 -9.84
N TRP A 413 21.09 -16.81 -9.22
CA TRP A 413 20.29 -17.62 -8.30
C TRP A 413 19.61 -18.77 -9.04
N VAL A 414 19.09 -18.52 -10.22
CA VAL A 414 18.49 -19.54 -11.07
C VAL A 414 19.21 -19.54 -12.40
N LYS A 415 19.23 -20.70 -13.06
CA LYS A 415 19.90 -20.82 -14.36
C LYS A 415 18.90 -20.66 -15.50
N LYS A 416 17.88 -21.51 -15.45
CA LYS A 416 16.82 -21.50 -16.50
C LYS A 416 16.12 -20.14 -16.48
PA NDP B . -7.25 3.85 7.86
O1A NDP B . -7.66 2.72 8.74
O2A NDP B . -6.58 5.03 8.47
O5B NDP B . -8.52 4.34 7.01
C5B NDP B . -9.32 3.33 6.35
C4B NDP B . -10.74 3.83 6.25
O4B NDP B . -11.62 2.71 5.95
C3B NDP B . -11.32 4.48 7.52
O3B NDP B . -12.05 5.67 7.23
C2B NDP B . -12.25 3.42 8.08
O2B NDP B . -13.36 4.02 8.74
C1B NDP B . -12.74 2.76 6.80
N9A NDP B . -13.23 1.41 6.98
C8A NDP B . -12.81 0.50 7.92
N7A NDP B . -13.44 -0.64 7.85
C5A NDP B . -14.33 -0.49 6.80
C6A NDP B . -15.28 -1.34 6.23
N6A NDP B . -15.51 -2.59 6.65
N1A NDP B . -16.02 -0.87 5.19
C2A NDP B . -15.78 0.38 4.77
N3A NDP B . -14.91 1.28 5.23
C4A NDP B . -14.22 0.79 6.25
O3 NDP B . -6.31 3.28 6.68
PN NDP B . -5.46 4.03 5.56
O1N NDP B . -4.11 4.34 6.11
O2N NDP B . -6.29 5.15 5.02
O5D NDP B . -5.35 2.87 4.45
C5D NDP B . -6.57 2.22 4.04
C4D NDP B . -6.26 1.19 2.98
O4D NDP B . -5.27 1.73 2.08
C3D NDP B . -5.73 -0.15 3.50
O3D NDP B . -6.53 -1.24 3.00
C2D NDP B . -4.30 -0.20 2.97
O2D NDP B . -3.89 -1.50 2.58
C1D NDP B . -4.30 0.75 1.77
N1N NDP B . -2.99 1.42 1.60
C2N NDP B . -2.76 2.67 2.10
C3N NDP B . -1.52 3.03 2.55
C7N NDP B . -1.40 4.29 3.30
O7N NDP B . -2.42 4.85 3.72
N7N NDP B . -0.19 4.79 3.50
C4N NDP B . -0.39 2.10 2.24
C5N NDP B . -0.71 1.09 1.21
C6N NDP B . -1.96 0.80 0.92
P2B NDP B . -13.07 4.31 10.31
O1X NDP B . -14.41 4.74 10.87
O2X NDP B . -12.03 5.42 10.43
O3X NDP B . -12.58 3.01 10.89
C1 AKG C . 2.02 -0.64 1.65
O1 AKG C . 1.26 -1.59 1.90
O2 AKG C . 2.35 -0.32 0.52
C2 AKG C . 2.59 0.18 2.82
O5 AKG C . 2.14 0.11 3.97
C3 AKG C . 3.76 1.10 2.61
C4 AKG C . 5.07 0.34 2.49
C5 AKG C . 6.33 1.19 2.55
O3 AKG C . 7.43 0.61 2.61
O4 AKG C . 6.20 2.43 2.54
#